data_8BN2
#
_entry.id   8BN2
#
_cell.length_a   45.209
_cell.length_b   66.845
_cell.length_c   175.901
_cell.angle_alpha   90.000
_cell.angle_beta   90.000
_cell.angle_gamma   90.000
#
_symmetry.space_group_name_H-M   'P 21 21 21'
#
loop_
_entity.id
_entity.type
_entity.pdbx_description
1 polymer 'Glutamate receptor ionotropic, delta-1'
2 non-polymer 'CALCIUM ION'
3 non-polymer 'CHLORIDE ION'
4 non-polymer 2-acetamido-2-deoxy-beta-D-glucopyranose
5 non-polymer D-SERINE
6 non-polymer 1,2-ETHANEDIOL
7 water water
#
_entity_poly.entity_id   1
_entity_poly.type   'polypeptide(L)'
_entity_poly.pdbx_seq_one_letter_code
;GLTLKVVTVLEEPFVMVAENILGQPKRYKGFSIDVLDALAKALGFKYEIYQAPDGRYGHQLHNTSWNGMIGELISKRADL
AISAITITPERESVVDFSKRYMDYSVGILIKKGTPIRTFQDLSKQVEMSYGTVRDSAVYEYFRAKGTNPLEQDSTFAELW
RTISKNGGADNCVSSPSEGIRKAKKGNYAFLWDVAVVEYAALTDDDCSVTVIGNSISSKGYGIALQHGSPYRDLFSQRIL
ELQDTGDLDVLKQKWWPHMGRCDLTSHASAQADGGTLEVLFQ
;
_entity_poly.pdbx_strand_id   A,B
#
# COMPACT_ATOMS: atom_id res chain seq x y z
N GLY A 1 2.61 35.80 0.04
CA GLY A 1 2.61 35.08 -1.22
C GLY A 1 1.51 34.05 -1.33
N LEU A 2 1.77 33.02 -2.14
CA LEU A 2 0.78 31.97 -2.40
C LEU A 2 0.54 31.16 -1.15
N THR A 3 -0.66 31.25 -0.59
CA THR A 3 -1.00 30.57 0.66
C THR A 3 -2.21 29.68 0.47
N LEU A 4 -2.08 28.42 0.90
CA LEU A 4 -3.14 27.43 0.81
C LEU A 4 -3.84 27.28 2.16
N LYS A 5 -5.17 27.16 2.13
CA LYS A 5 -5.96 26.87 3.32
C LYS A 5 -6.04 25.36 3.50
N VAL A 6 -5.55 24.87 4.65
CA VAL A 6 -5.47 23.45 4.95
C VAL A 6 -6.47 23.13 6.07
N VAL A 7 -7.32 22.15 5.85
CA VAL A 7 -8.24 21.65 6.88
C VAL A 7 -7.70 20.32 7.39
N THR A 8 -7.87 20.10 8.69
CA THR A 8 -7.31 18.92 9.32
C THR A 8 -8.25 18.45 10.42
N VAL A 9 -7.95 17.26 10.94
CA VAL A 9 -8.58 16.69 12.11
CA VAL A 9 -8.58 16.73 12.13
C VAL A 9 -7.48 16.08 12.96
N LEU A 10 -7.58 16.24 14.27
CA LEU A 10 -6.55 15.71 15.16
C LEU A 10 -6.59 14.19 15.14
N GLU A 11 -5.42 13.58 14.90
CA GLU A 11 -5.25 12.13 14.94
C GLU A 11 -3.79 11.85 15.22
N GLU A 12 -3.49 11.20 16.35
CA GLU A 12 -2.09 10.98 16.74
C GLU A 12 -1.51 9.77 15.99
N PRO A 13 -0.27 9.87 15.50
CA PRO A 13 0.67 11.00 15.55
C PRO A 13 0.70 11.78 14.22
N PHE A 14 -0.39 11.72 13.47
CA PHE A 14 -0.43 12.35 12.14
C PHE A 14 -0.53 13.87 12.26
N VAL A 15 -1.48 14.35 13.06
CA VAL A 15 -1.68 15.77 13.29
C VAL A 15 -2.00 15.95 14.76
N MET A 16 -1.14 16.67 15.47
CA MET A 16 -1.30 16.96 16.88
C MET A 16 -1.07 18.45 17.10
N VAL A 17 -1.66 18.96 18.17
CA VAL A 17 -1.39 20.34 18.58
C VAL A 17 0.02 20.41 19.14
N ALA A 18 0.75 21.45 18.76
CA ALA A 18 2.14 21.64 19.17
C ALA A 18 2.32 22.72 20.21
N GLU A 19 1.61 23.83 20.06
CA GLU A 19 1.53 24.90 21.04
C GLU A 19 0.44 25.86 20.59
N ASN A 20 -0.15 26.56 21.55
CA ASN A 20 -1.13 27.61 21.23
C ASN A 20 -0.99 28.66 22.32
N ILE A 21 -0.08 29.59 22.11
CA ILE A 21 0.07 30.73 23.01
C ILE A 21 -1.01 31.74 22.64
N LEU A 22 -1.48 32.47 23.65
CA LEU A 22 -2.55 33.44 23.44
C LEU A 22 -2.11 34.46 22.38
N GLY A 23 -3.04 34.81 21.50
CA GLY A 23 -2.79 35.74 20.41
C GLY A 23 -2.25 35.07 19.16
N GLN A 24 -1.41 34.06 19.32
CA GLN A 24 -0.83 33.35 18.20
C GLN A 24 -1.82 32.32 17.66
N PRO A 25 -1.80 32.05 16.35
CA PRO A 25 -2.60 30.95 15.82
C PRO A 25 -2.13 29.62 16.39
N LYS A 26 -3.03 28.63 16.37
CA LYS A 26 -2.65 27.30 16.81
C LYS A 26 -1.57 26.76 15.89
N ARG A 27 -0.61 26.05 16.48
CA ARG A 27 0.43 25.36 15.73
C ARG A 27 0.20 23.86 15.85
N TYR A 28 0.66 23.13 14.84
CA TYR A 28 0.43 21.70 14.73
C TYR A 28 1.75 21.00 14.45
N LYS A 29 1.77 19.71 14.74
CA LYS A 29 2.93 18.87 14.53
C LYS A 29 2.44 17.46 14.20
N GLY A 30 3.35 16.65 13.68
CA GLY A 30 3.05 15.27 13.41
C GLY A 30 3.53 14.82 12.05
N PHE A 31 3.30 13.54 11.77
CA PHE A 31 3.80 12.95 10.54
C PHE A 31 3.22 13.62 9.30
N SER A 32 1.91 13.88 9.30
CA SER A 32 1.30 14.53 8.15
C SER A 32 1.73 15.98 8.02
N ILE A 33 1.95 16.65 9.16
CA ILE A 33 2.47 18.03 9.12
C ILE A 33 3.82 18.05 8.45
N ASP A 34 4.68 17.07 8.76
CA ASP A 34 6.02 17.03 8.18
C ASP A 34 5.96 16.75 6.68
N VAL A 35 5.03 15.88 6.24
CA VAL A 35 4.86 15.64 4.81
C VAL A 35 4.39 16.92 4.13
N LEU A 36 3.41 17.59 4.72
CA LEU A 36 2.92 18.86 4.19
C LEU A 36 4.03 19.90 4.10
N ASP A 37 4.86 19.99 5.15
CA ASP A 37 5.95 20.95 5.16
C ASP A 37 6.94 20.67 4.03
N ALA A 38 7.18 19.38 3.75
CA ALA A 38 8.12 19.03 2.70
C ALA A 38 7.57 19.42 1.34
N LEU A 39 6.25 19.30 1.17
CA LEU A 39 5.59 19.73 -0.05
C LEU A 39 5.60 21.24 -0.19
N ALA A 40 5.28 21.94 0.89
CA ALA A 40 5.31 23.40 0.89
C ALA A 40 6.68 23.92 0.47
N LYS A 41 7.73 23.34 1.02
CA LYS A 41 9.08 23.75 0.66
C LYS A 41 9.34 23.50 -0.81
N ALA A 42 9.10 22.27 -1.27
CA ALA A 42 9.45 21.88 -2.63
C ALA A 42 8.65 22.64 -3.67
N LEU A 43 7.38 22.91 -3.39
CA LEU A 43 6.48 23.53 -4.34
C LEU A 43 6.29 25.01 -4.10
N GLY A 44 6.93 25.57 -3.07
CA GLY A 44 6.93 26.99 -2.84
C GLY A 44 5.59 27.59 -2.52
N PHE A 45 4.84 26.98 -1.60
CA PHE A 45 3.64 27.62 -1.06
C PHE A 45 3.76 27.73 0.45
N LYS A 46 2.97 28.66 1.00
CA LYS A 46 2.71 28.77 2.42
C LYS A 46 1.34 28.16 2.71
N TYR A 47 1.04 27.94 3.98
CA TYR A 47 -0.29 27.46 4.31
C TYR A 47 -0.73 27.91 5.69
N GLU A 48 -2.03 27.84 5.91
CA GLU A 48 -2.68 28.09 7.18
C GLU A 48 -3.63 26.92 7.46
N ILE A 49 -3.60 26.41 8.69
CA ILE A 49 -4.32 25.20 9.05
C ILE A 49 -5.52 25.57 9.91
N TYR A 50 -6.65 24.92 9.66
CA TYR A 50 -7.79 25.03 10.57
C TYR A 50 -8.37 23.63 10.76
N GLN A 51 -8.98 23.41 11.92
CA GLN A 51 -9.59 22.11 12.19
C GLN A 51 -11.01 22.10 11.65
N ALA A 52 -11.40 20.96 11.08
CA ALA A 52 -12.74 20.77 10.58
C ALA A 52 -13.76 21.14 11.67
N PRO A 53 -14.68 22.07 11.41
CA PRO A 53 -15.58 22.52 12.50
C PRO A 53 -16.46 21.44 13.08
N ASP A 54 -16.77 20.40 12.32
CA ASP A 54 -17.52 19.27 12.85
C ASP A 54 -16.61 18.13 13.30
N GLY A 55 -15.30 18.28 13.17
CA GLY A 55 -14.38 17.27 13.65
C GLY A 55 -14.35 15.96 12.90
N ARG A 56 -14.93 15.90 11.70
CA ARG A 56 -15.09 14.65 10.97
C ARG A 56 -14.21 14.59 9.73
N TYR A 57 -13.80 13.38 9.38
CA TYR A 57 -13.20 13.17 8.06
C TYR A 57 -14.20 13.53 6.97
N GLY A 58 -15.45 13.07 7.12
CA GLY A 58 -16.52 13.39 6.20
C GLY A 58 -17.07 12.15 5.51
N HIS A 59 -18.37 12.15 5.27
CA HIS A 59 -19.04 11.09 4.53
C HIS A 59 -20.22 11.68 3.78
N GLN A 60 -20.83 10.88 2.92
CA GLN A 60 -21.89 11.36 2.04
C GLN A 60 -23.23 11.27 2.76
N LEU A 61 -23.99 12.35 2.72
CA LEU A 61 -25.31 12.40 3.32
C LEU A 61 -26.35 12.04 2.28
N HIS A 62 -27.60 11.94 2.73
CA HIS A 62 -28.65 11.41 1.86
C HIS A 62 -28.85 12.26 0.62
N ASN A 63 -28.73 13.59 0.74
CA ASN A 63 -28.93 14.50 -0.40
C ASN A 63 -27.67 14.67 -1.27
N THR A 64 -26.69 13.78 -1.15
CA THR A 64 -25.45 13.75 -1.91
C THR A 64 -24.42 14.77 -1.42
N SER A 65 -24.76 15.65 -0.48
CA SER A 65 -23.77 16.53 0.10
CA SER A 65 -23.76 16.54 0.11
C SER A 65 -22.87 15.76 1.07
N TRP A 66 -21.77 16.37 1.46
CA TRP A 66 -20.80 15.76 2.34
C TRP A 66 -20.52 16.70 3.52
N ASN A 67 -20.20 16.12 4.66
CA ASN A 67 -19.76 16.91 5.78
C ASN A 67 -18.25 16.71 5.94
N GLY A 68 -17.74 17.12 7.10
CA GLY A 68 -16.34 16.84 7.40
C GLY A 68 -15.40 17.61 6.50
N MET A 69 -14.14 17.19 6.55
CA MET A 69 -13.12 17.77 5.68
C MET A 69 -13.50 17.64 4.21
N ILE A 70 -14.12 16.52 3.82
CA ILE A 70 -14.52 16.37 2.42
C ILE A 70 -15.45 17.52 2.01
N GLY A 71 -16.43 17.82 2.86
CA GLY A 71 -17.31 18.95 2.58
C GLY A 71 -16.57 20.26 2.47
N GLU A 72 -15.59 20.48 3.35
CA GLU A 72 -14.80 21.70 3.27
C GLU A 72 -14.13 21.85 1.92
N LEU A 73 -13.64 20.74 1.35
CA LEU A 73 -13.02 20.79 0.03
C LEU A 73 -14.06 21.08 -1.05
N ILE A 74 -15.20 20.37 -1.01
CA ILE A 74 -16.23 20.55 -2.04
C ILE A 74 -16.70 22.00 -2.08
N SER A 75 -16.93 22.58 -0.90
CA SER A 75 -17.37 23.97 -0.83
C SER A 75 -16.25 24.95 -1.19
N LYS A 76 -15.02 24.47 -1.33
CA LYS A 76 -13.85 25.31 -1.61
C LYS A 76 -13.46 26.19 -0.43
N ARG A 77 -13.91 25.89 0.78
CA ARG A 77 -13.40 26.59 1.95
C ARG A 77 -11.98 26.18 2.28
N ALA A 78 -11.59 24.97 1.89
CA ALA A 78 -10.23 24.49 2.05
C ALA A 78 -9.65 24.19 0.68
N ASP A 79 -8.36 24.41 0.54
CA ASP A 79 -7.63 23.98 -0.65
C ASP A 79 -7.15 22.54 -0.54
N LEU A 80 -6.87 22.06 0.67
CA LEU A 80 -6.47 20.68 0.82
C LEU A 80 -6.81 20.25 2.23
N ALA A 81 -6.96 18.94 2.38
CA ALA A 81 -7.28 18.29 3.64
C ALA A 81 -6.21 17.24 3.92
N ILE A 82 -5.68 17.25 5.13
CA ILE A 82 -4.69 16.26 5.52
C ILE A 82 -4.87 15.88 6.98
N SER A 83 -4.74 14.58 7.25
CA SER A 83 -4.62 14.07 8.60
C SER A 83 -4.22 12.60 8.45
N ALA A 84 -5.11 11.68 8.75
CA ALA A 84 -4.89 10.27 8.38
C ALA A 84 -6.06 9.86 7.49
N ILE A 85 -6.19 10.48 6.31
CA ILE A 85 -7.34 10.31 5.44
C ILE A 85 -7.11 9.13 4.52
N THR A 86 -7.93 8.10 4.67
CA THR A 86 -7.90 6.94 3.79
CA THR A 86 -7.83 6.96 3.76
C THR A 86 -8.44 7.31 2.41
N ILE A 87 -7.72 6.91 1.36
CA ILE A 87 -8.14 7.07 -0.03
C ILE A 87 -9.19 6.00 -0.31
N THR A 88 -10.45 6.40 -0.43
CA THR A 88 -11.53 5.49 -0.75
C THR A 88 -12.18 5.91 -2.07
N PRO A 89 -12.85 4.98 -2.77
CA PRO A 89 -13.49 5.38 -4.03
C PRO A 89 -14.60 6.40 -3.85
N GLU A 90 -15.37 6.30 -2.77
CA GLU A 90 -16.46 7.26 -2.56
C GLU A 90 -15.91 8.67 -2.40
N ARG A 91 -14.82 8.83 -1.63
CA ARG A 91 -14.24 10.15 -1.44
C ARG A 91 -13.56 10.65 -2.71
N GLU A 92 -12.82 9.80 -3.40
CA GLU A 92 -12.22 10.21 -4.66
C GLU A 92 -13.25 10.60 -5.72
N SER A 93 -14.49 10.13 -5.61
CA SER A 93 -15.50 10.54 -6.60
C SER A 93 -15.84 12.02 -6.48
N VAL A 94 -15.62 12.65 -5.32
CA VAL A 94 -15.98 14.05 -5.13
C VAL A 94 -14.78 14.96 -4.87
N VAL A 95 -13.64 14.43 -4.40
CA VAL A 95 -12.40 15.20 -4.28
C VAL A 95 -11.31 14.48 -5.05
N ASP A 96 -10.09 15.04 -5.05
CA ASP A 96 -8.97 14.47 -5.78
C ASP A 96 -7.82 14.20 -4.82
N PHE A 97 -7.53 12.93 -4.58
CA PHE A 97 -6.44 12.56 -3.69
C PHE A 97 -5.11 12.51 -4.43
N SER A 98 -4.06 12.93 -3.73
CA SER A 98 -2.72 12.55 -4.13
C SER A 98 -2.56 11.04 -4.10
N LYS A 99 -1.53 10.54 -4.79
CA LYS A 99 -1.08 9.18 -4.54
C LYS A 99 -0.69 9.09 -3.05
N ARG A 100 -0.76 7.89 -2.50
CA ARG A 100 -0.60 7.72 -1.05
C ARG A 100 0.81 8.08 -0.59
N TYR A 101 0.90 8.56 0.66
CA TYR A 101 2.19 8.75 1.31
C TYR A 101 2.41 7.77 2.46
N MET A 102 1.47 6.88 2.72
CA MET A 102 1.64 5.79 3.67
C MET A 102 0.53 4.78 3.45
N ASP A 103 0.80 3.51 3.75
CA ASP A 103 -0.24 2.50 3.68
C ASP A 103 -1.11 2.51 4.93
N TYR A 104 -2.33 2.05 4.75
CA TYR A 104 -3.35 1.99 5.78
C TYR A 104 -3.84 0.56 5.97
N SER A 105 -4.10 0.20 7.23
CA SER A 105 -4.87 -1.02 7.51
C SER A 105 -5.45 -0.91 8.91
N VAL A 106 -6.31 -1.85 9.26
CA VAL A 106 -7.02 -1.84 10.53
C VAL A 106 -6.29 -2.78 11.49
N GLY A 107 -6.08 -2.32 12.72
CA GLY A 107 -5.50 -3.14 13.76
C GLY A 107 -6.38 -3.22 14.99
N ILE A 108 -5.95 -4.05 15.93
CA ILE A 108 -6.62 -4.22 17.20
C ILE A 108 -5.70 -3.73 18.30
N LEU A 109 -6.19 -2.84 19.14
CA LEU A 109 -5.51 -2.48 20.38
C LEU A 109 -6.17 -3.20 21.54
N ILE A 110 -5.34 -3.90 22.34
CA ILE A 110 -5.82 -4.73 23.44
C ILE A 110 -4.75 -4.78 24.51
N LYS A 111 -5.17 -4.95 25.76
CA LYS A 111 -4.22 -5.06 26.83
C LYS A 111 -3.35 -6.29 26.59
N LYS A 112 -2.07 -6.18 26.97
CA LYS A 112 -1.20 -7.33 26.91
C LYS A 112 -1.70 -8.43 27.84
N GLY A 113 -1.29 -9.65 27.53
CA GLY A 113 -1.47 -10.75 28.43
C GLY A 113 -2.73 -11.56 28.23
N THR A 114 -3.35 -11.47 27.06
CA THR A 114 -4.51 -12.28 26.76
C THR A 114 -4.16 -13.33 25.71
N PRO A 115 -4.99 -14.36 25.58
CA PRO A 115 -4.74 -15.37 24.52
C PRO A 115 -5.15 -14.90 23.13
N ILE A 116 -5.66 -13.69 22.98
CA ILE A 116 -6.09 -13.21 21.67
C ILE A 116 -4.87 -12.68 20.92
N ARG A 117 -4.57 -13.30 19.79
CA ARG A 117 -3.38 -12.92 19.00
C ARG A 117 -3.70 -12.58 17.55
N THR A 118 -4.93 -12.82 17.10
CA THR A 118 -5.32 -12.63 15.71
C THR A 118 -6.73 -12.08 15.65
N PHE A 119 -7.09 -11.55 14.48
CA PHE A 119 -8.47 -11.18 14.24
C PHE A 119 -9.39 -12.38 14.41
N GLN A 120 -8.95 -13.56 13.98
CA GLN A 120 -9.79 -14.74 14.12
C GLN A 120 -10.03 -15.03 15.60
N ASP A 121 -8.99 -14.88 16.44
CA ASP A 121 -9.17 -15.10 17.87
C ASP A 121 -10.19 -14.14 18.46
N LEU A 122 -10.11 -12.87 18.08
CA LEU A 122 -11.09 -11.89 18.55
C LEU A 122 -12.49 -12.29 18.12
N SER A 123 -12.65 -12.77 16.89
CA SER A 123 -14.00 -13.13 16.41
C SER A 123 -14.61 -14.29 17.17
N LYS A 124 -13.79 -15.14 17.80
CA LYS A 124 -14.30 -16.25 18.59
C LYS A 124 -14.85 -15.82 19.94
N GLN A 125 -14.69 -14.54 20.33
CA GLN A 125 -15.03 -14.17 21.70
C GLN A 125 -16.55 -14.19 21.93
N VAL A 126 -16.97 -14.78 23.05
CA VAL A 126 -18.38 -14.86 23.37
C VAL A 126 -18.83 -13.73 24.28
N GLU A 127 -18.03 -13.33 25.26
CA GLU A 127 -18.47 -12.37 26.24
C GLU A 127 -17.81 -11.00 26.09
N MET A 128 -16.76 -10.91 25.30
CA MET A 128 -15.90 -9.74 25.32
C MET A 128 -16.44 -8.64 24.44
N SER A 129 -16.43 -7.43 24.96
CA SER A 129 -16.80 -6.26 24.17
C SER A 129 -15.61 -5.81 23.33
N TYR A 130 -15.86 -5.53 22.06
CA TYR A 130 -14.86 -4.94 21.19
C TYR A 130 -15.60 -4.19 20.10
N GLY A 131 -14.95 -3.18 19.53
CA GLY A 131 -15.62 -2.35 18.56
C GLY A 131 -14.72 -1.27 18.02
N THR A 132 -15.35 -0.35 17.28
CA THR A 132 -14.60 0.72 16.61
C THR A 132 -15.32 2.04 16.86
N VAL A 133 -14.92 3.11 16.16
CA VAL A 133 -15.62 4.38 16.26
C VAL A 133 -16.94 4.28 15.49
N ARG A 134 -18.05 4.55 16.16
CA ARG A 134 -19.33 4.53 15.46
C ARG A 134 -19.34 5.64 14.40
N ASP A 135 -20.03 5.39 13.30
CA ASP A 135 -20.18 6.35 12.21
C ASP A 135 -18.86 6.62 11.48
N SER A 136 -17.92 5.69 11.52
CA SER A 136 -16.62 5.88 10.89
C SER A 136 -16.48 5.01 9.65
N ALA A 137 -15.40 5.28 8.90
CA ALA A 137 -15.06 4.44 7.77
C ALA A 137 -14.73 3.02 8.20
N VAL A 138 -14.19 2.87 9.42
CA VAL A 138 -13.84 1.53 9.87
C VAL A 138 -15.10 0.75 10.20
N TYR A 139 -16.07 1.40 10.84
CA TYR A 139 -17.38 0.76 11.05
C TYR A 139 -17.97 0.31 9.73
N GLU A 140 -17.88 1.15 8.69
CA GLU A 140 -18.46 0.80 7.40
C GLU A 140 -17.66 -0.30 6.72
N TYR A 141 -16.36 -0.37 6.97
CA TYR A 141 -15.55 -1.48 6.48
C TYR A 141 -16.07 -2.80 7.03
N PHE A 142 -16.28 -2.89 8.35
CA PHE A 142 -16.74 -4.14 8.92
C PHE A 142 -18.17 -4.46 8.53
N ARG A 143 -19.00 -3.45 8.31
CA ARG A 143 -20.34 -3.68 7.75
C ARG A 143 -20.22 -4.39 6.41
N ALA A 144 -19.36 -3.88 5.54
CA ALA A 144 -19.24 -4.44 4.19
C ALA A 144 -18.75 -5.88 4.25
N LYS A 145 -17.64 -6.10 4.97
CA LYS A 145 -17.10 -7.46 5.05
CA LYS A 145 -17.08 -7.45 5.08
C LYS A 145 -17.99 -8.38 5.87
N GLY A 146 -18.68 -7.83 6.89
CA GLY A 146 -19.50 -8.68 7.75
C GLY A 146 -20.81 -9.13 7.14
N THR A 147 -21.39 -8.32 6.26
CA THR A 147 -22.66 -8.61 5.62
C THR A 147 -22.48 -9.29 4.27
N ASN A 148 -21.27 -9.76 3.98
CA ASN A 148 -20.93 -10.38 2.71
C ASN A 148 -20.71 -11.87 2.90
N PRO A 149 -21.75 -12.70 2.75
CA PRO A 149 -21.55 -14.16 2.88
C PRO A 149 -20.54 -14.73 1.89
N LEU A 150 -20.04 -13.91 0.97
CA LEU A 150 -19.06 -14.32 -0.03
C LEU A 150 -17.63 -14.32 0.49
N GLU A 151 -17.41 -13.95 1.75
CA GLU A 151 -16.10 -14.13 2.35
C GLU A 151 -15.82 -15.62 2.55
N GLN A 152 -14.53 -15.94 2.70
CA GLN A 152 -14.11 -17.32 2.85
C GLN A 152 -14.15 -17.80 4.30
N ASP A 153 -14.26 -16.90 5.27
CA ASP A 153 -14.30 -17.25 6.68
C ASP A 153 -15.44 -16.53 7.38
N SER A 154 -16.01 -17.17 8.41
CA SER A 154 -16.96 -16.52 9.30
C SER A 154 -16.32 -15.42 10.15
N THR A 155 -15.01 -15.18 10.03
CA THR A 155 -14.35 -14.23 10.91
C THR A 155 -15.03 -12.87 10.87
N PHE A 156 -15.21 -12.31 9.67
CA PHE A 156 -15.74 -10.96 9.57
C PHE A 156 -17.20 -10.91 9.98
N ALA A 157 -17.97 -11.95 9.64
CA ALA A 157 -19.37 -12.01 10.05
C ALA A 157 -19.49 -12.02 11.57
N GLU A 158 -18.67 -12.83 12.25
CA GLU A 158 -18.69 -12.86 13.70
C GLU A 158 -18.24 -11.51 14.27
N LEU A 159 -17.16 -10.92 13.75
CA LEU A 159 -16.73 -9.61 14.24
C LEU A 159 -17.84 -8.59 14.10
N TRP A 160 -18.52 -8.59 12.95
CA TRP A 160 -19.58 -7.62 12.73
C TRP A 160 -20.75 -7.81 13.70
N ARG A 161 -21.05 -9.05 14.10
CA ARG A 161 -22.15 -9.27 15.01
C ARG A 161 -21.91 -8.57 16.35
N THR A 162 -20.67 -8.56 16.82
CA THR A 162 -20.34 -7.88 18.06
C THR A 162 -20.21 -6.37 17.85
N ILE A 163 -19.52 -5.95 16.78
CA ILE A 163 -19.29 -4.53 16.58
C ILE A 163 -20.62 -3.79 16.44
N SER A 164 -21.56 -4.36 15.71
CA SER A 164 -22.79 -3.68 15.34
C SER A 164 -23.93 -3.95 16.31
N LYS A 165 -23.65 -4.47 17.49
CA LYS A 165 -24.72 -4.81 18.43
C LYS A 165 -25.42 -3.54 18.90
N ASN A 166 -26.75 -3.55 18.82
CA ASN A 166 -27.57 -2.39 19.17
C ASN A 166 -27.22 -1.17 18.31
N GLY A 167 -27.17 -1.39 17.00
CA GLY A 167 -26.76 -0.36 16.07
C GLY A 167 -25.47 0.34 16.43
N GLY A 168 -24.53 -0.39 17.03
CA GLY A 168 -23.25 0.17 17.40
C GLY A 168 -23.18 0.79 18.77
N ALA A 169 -24.28 0.76 19.53
CA ALA A 169 -24.30 1.48 20.81
C ALA A 169 -23.48 0.77 21.88
N ASP A 170 -23.61 -0.56 21.97
CA ASP A 170 -23.05 -1.27 23.11
C ASP A 170 -21.52 -1.32 23.06
N ASN A 171 -20.95 -1.53 21.88
CA ASN A 171 -19.54 -1.92 21.79
C ASN A 171 -18.66 -0.95 21.03
N CYS A 172 -19.21 0.09 20.44
CA CYS A 172 -18.41 1.10 19.75
C CYS A 172 -18.20 2.30 20.66
N VAL A 173 -17.36 3.22 20.19
CA VAL A 173 -16.97 4.40 20.94
C VAL A 173 -17.17 5.63 20.06
N SER A 174 -17.09 6.81 20.69
CA SER A 174 -17.33 8.05 19.99
C SER A 174 -16.08 8.59 19.29
N SER A 175 -14.89 8.13 19.67
CA SER A 175 -13.66 8.74 19.20
C SER A 175 -12.52 7.75 19.42
N PRO A 176 -11.42 7.90 18.69
CA PRO A 176 -10.26 7.05 18.97
C PRO A 176 -9.76 7.19 20.39
N SER A 177 -9.80 8.40 20.95
CA SER A 177 -9.32 8.58 22.32
C SER A 177 -10.11 7.73 23.30
N GLU A 178 -11.43 7.66 23.11
CA GLU A 178 -12.25 6.84 23.99
C GLU A 178 -11.95 5.36 23.79
N GLY A 179 -11.75 4.93 22.54
CA GLY A 179 -11.40 3.54 22.30
C GLY A 179 -10.08 3.15 22.92
N ILE A 180 -9.09 4.05 22.82
CA ILE A 180 -7.77 3.77 23.39
C ILE A 180 -7.85 3.72 24.90
N ARG A 181 -8.59 4.66 25.50
CA ARG A 181 -8.72 4.68 26.95
C ARG A 181 -9.40 3.42 27.45
N LYS A 182 -10.43 2.96 26.73
CA LYS A 182 -11.12 1.73 27.13
C LYS A 182 -10.22 0.50 26.99
N ALA A 183 -9.47 0.40 25.88
CA ALA A 183 -8.61 -0.76 25.70
C ALA A 183 -7.61 -0.88 26.84
N LYS A 184 -7.08 0.26 27.30
CA LYS A 184 -6.13 0.23 28.40
C LYS A 184 -6.78 -0.26 29.70
N LYS A 185 -8.05 0.06 29.91
CA LYS A 185 -8.75 -0.45 31.10
C LYS A 185 -8.99 -1.95 31.04
N GLY A 186 -8.77 -2.59 29.91
CA GLY A 186 -9.00 -4.02 29.77
C GLY A 186 -10.47 -4.33 29.59
N ASN A 187 -10.75 -5.58 29.23
CA ASN A 187 -12.11 -5.99 28.91
C ASN A 187 -12.67 -5.23 27.72
N TYR A 188 -11.80 -4.69 26.87
CA TYR A 188 -12.23 -4.06 25.64
C TYR A 188 -11.10 -4.18 24.63
N ALA A 189 -11.44 -4.44 23.37
CA ALA A 189 -10.47 -4.38 22.29
C ALA A 189 -10.96 -3.36 21.26
N PHE A 190 -10.06 -2.47 20.85
CA PHE A 190 -10.39 -1.35 19.97
C PHE A 190 -9.82 -1.55 18.59
N LEU A 191 -10.69 -1.48 17.59
CA LEU A 191 -10.36 -1.72 16.19
CA LEU A 191 -10.33 -1.71 16.20
C LEU A 191 -10.29 -0.38 15.47
N TRP A 192 -9.12 -0.05 14.93
CA TRP A 192 -8.93 1.26 14.32
C TRP A 192 -7.67 1.18 13.49
N ASP A 193 -7.42 2.25 12.73
CA ASP A 193 -6.19 2.42 11.99
C ASP A 193 -4.99 1.87 12.74
N VAL A 194 -4.29 0.92 12.13
CA VAL A 194 -3.19 0.29 12.84
C VAL A 194 -2.11 1.31 13.20
N ALA A 195 -1.86 2.31 12.35
CA ALA A 195 -0.82 3.29 12.67
C ALA A 195 -1.20 4.12 13.89
N VAL A 196 -2.48 4.35 14.10
CA VAL A 196 -2.92 5.14 15.24
C VAL A 196 -2.80 4.34 16.52
N VAL A 197 -3.27 3.09 16.51
CA VAL A 197 -3.18 2.29 17.73
C VAL A 197 -1.75 1.86 18.02
N GLU A 198 -0.90 1.70 16.98
CA GLU A 198 0.50 1.42 17.25
C GLU A 198 1.14 2.57 18.02
N TYR A 199 0.88 3.80 17.58
CA TYR A 199 1.43 4.97 18.30
C TYR A 199 0.95 4.99 19.74
N ALA A 200 -0.33 4.74 19.96
CA ALA A 200 -0.85 4.70 21.32
C ALA A 200 -0.16 3.64 22.17
N ALA A 201 0.11 2.46 21.60
CA ALA A 201 0.77 1.42 22.36
C ALA A 201 2.23 1.78 22.62
N LEU A 202 2.90 2.41 21.65
CA LEU A 202 4.30 2.75 21.82
C LEU A 202 4.49 3.80 22.91
N THR A 203 3.47 4.64 23.12
CA THR A 203 3.56 5.76 24.05
C THR A 203 2.74 5.53 25.32
N ASP A 204 2.27 4.31 25.56
CA ASP A 204 1.52 4.03 26.76
C ASP A 204 2.43 4.16 27.99
N ASP A 205 2.02 4.97 28.95
CA ASP A 205 2.86 5.19 30.12
C ASP A 205 3.25 3.88 30.78
N ASP A 206 2.32 2.91 30.81
CA ASP A 206 2.52 1.65 31.49
C ASP A 206 2.95 0.53 30.56
N CYS A 207 3.18 0.82 29.28
CA CYS A 207 3.49 -0.18 28.28
C CYS A 207 2.65 -1.44 28.52
N SER A 208 1.33 -1.21 28.64
CA SER A 208 0.40 -2.26 29.04
C SER A 208 -0.42 -2.82 27.88
N VAL A 209 -0.29 -2.25 26.67
CA VAL A 209 -1.12 -2.64 25.54
C VAL A 209 -0.27 -3.04 24.36
N THR A 210 -0.89 -3.79 23.46
CA THR A 210 -0.25 -4.30 22.26
C THR A 210 -1.24 -4.16 21.11
N VAL A 211 -0.72 -4.31 19.90
CA VAL A 211 -1.48 -4.17 18.67
C VAL A 211 -1.42 -5.49 17.91
N ILE A 212 -2.58 -5.95 17.47
CA ILE A 212 -2.70 -7.05 16.53
C ILE A 212 -2.95 -6.48 15.14
N GLY A 213 -2.06 -6.79 14.21
CA GLY A 213 -2.25 -6.36 12.83
C GLY A 213 -2.72 -7.54 12.00
N ASN A 214 -2.04 -7.81 10.88
CA ASN A 214 -2.32 -8.96 10.03
C ASN A 214 -3.34 -8.62 8.95
N SER A 215 -4.08 -7.53 9.13
CA SER A 215 -4.95 -7.09 8.04
C SER A 215 -4.10 -6.88 6.79
N ILE A 216 -4.56 -7.43 5.67
CA ILE A 216 -3.94 -7.09 4.39
C ILE A 216 -4.29 -5.65 4.06
N SER A 217 -3.28 -4.89 3.63
CA SER A 217 -3.47 -3.50 3.24
C SER A 217 -3.88 -3.47 1.77
N SER A 218 -5.02 -2.86 1.49
CA SER A 218 -5.42 -2.53 0.12
C SER A 218 -5.60 -1.04 -0.10
N LYS A 219 -5.49 -0.21 0.95
CA LYS A 219 -5.72 1.22 0.84
C LYS A 219 -4.55 2.00 1.41
N GLY A 220 -4.49 3.28 1.03
CA GLY A 220 -3.45 4.17 1.48
C GLY A 220 -4.03 5.44 2.08
N TYR A 221 -3.15 6.17 2.76
CA TYR A 221 -3.43 7.50 3.25
C TYR A 221 -3.00 8.53 2.20
N GLY A 222 -3.85 9.55 1.97
CA GLY A 222 -3.56 10.54 0.97
C GLY A 222 -3.87 11.96 1.43
N ILE A 223 -3.39 12.91 0.63
CA ILE A 223 -3.77 14.31 0.78
C ILE A 223 -4.93 14.54 -0.17
N ALA A 224 -6.03 15.04 0.36
CA ALA A 224 -7.20 15.35 -0.44
C ALA A 224 -7.16 16.79 -0.92
N LEU A 225 -7.39 16.98 -2.22
CA LEU A 225 -7.50 18.31 -2.82
C LEU A 225 -8.87 18.49 -3.45
N GLN A 226 -9.17 19.73 -3.87
CA GLN A 226 -10.45 19.97 -4.52
C GLN A 226 -10.52 19.21 -5.83
N HIS A 227 -11.73 18.85 -6.22
CA HIS A 227 -11.97 18.29 -7.54
C HIS A 227 -11.33 19.17 -8.61
N GLY A 228 -10.48 18.57 -9.43
CA GLY A 228 -9.81 19.29 -10.50
C GLY A 228 -8.67 20.18 -10.06
N SER A 229 -8.16 20.00 -8.84
CA SER A 229 -7.06 20.84 -8.39
C SER A 229 -5.81 20.55 -9.20
N PRO A 230 -5.07 21.60 -9.61
CA PRO A 230 -3.79 21.39 -10.28
C PRO A 230 -2.71 20.89 -9.34
N TYR A 231 -2.89 21.04 -8.03
CA TYR A 231 -1.89 20.57 -7.08
C TYR A 231 -1.91 19.05 -6.89
N ARG A 232 -2.96 18.35 -7.31
CA ARG A 232 -3.03 16.93 -7.02
C ARG A 232 -1.86 16.20 -7.69
N ASP A 233 -1.62 16.46 -8.97
CA ASP A 233 -0.55 15.72 -9.65
C ASP A 233 0.82 16.18 -9.17
N LEU A 234 0.95 17.46 -8.83
CA LEU A 234 2.20 17.97 -8.29
C LEU A 234 2.54 17.32 -6.98
N PHE A 235 1.55 17.19 -6.09
CA PHE A 235 1.76 16.52 -4.81
C PHE A 235 2.17 15.06 -5.01
N SER A 236 1.46 14.34 -5.88
CA SER A 236 1.80 12.94 -6.15
C SER A 236 3.25 12.80 -6.58
N GLN A 237 3.70 13.63 -7.52
CA GLN A 237 5.08 13.52 -7.99
C GLN A 237 6.05 13.68 -6.83
N ARG A 238 5.83 14.69 -5.99
CA ARG A 238 6.78 14.95 -4.90
CA ARG A 238 6.77 14.96 -4.90
C ARG A 238 6.71 13.89 -3.82
N ILE A 239 5.51 13.40 -3.50
CA ILE A 239 5.37 12.27 -2.57
C ILE A 239 6.17 11.07 -3.08
N LEU A 240 6.06 10.76 -4.38
CA LEU A 240 6.82 9.65 -4.92
C LEU A 240 8.32 9.89 -4.74
N GLU A 241 8.76 11.14 -4.92
CA GLU A 241 10.16 11.45 -4.73
C GLU A 241 10.56 11.29 -3.26
N LEU A 242 9.72 11.77 -2.34
CA LEU A 242 10.00 11.62 -0.92
C LEU A 242 10.12 10.15 -0.54
N GLN A 243 9.26 9.30 -1.11
CA GLN A 243 9.35 7.87 -0.83
C GLN A 243 10.65 7.29 -1.37
N ASP A 244 10.98 7.62 -2.62
CA ASP A 244 12.14 7.03 -3.29
C ASP A 244 13.44 7.43 -2.61
N THR A 245 13.53 8.66 -2.08
CA THR A 245 14.77 9.10 -1.47
C THR A 245 14.95 8.59 -0.04
N GLY A 246 13.92 8.01 0.55
CA GLY A 246 13.98 7.58 1.93
C GLY A 246 13.49 8.60 2.93
N ASP A 247 13.14 9.80 2.48
CA ASP A 247 12.72 10.87 3.38
C ASP A 247 11.44 10.48 4.12
N LEU A 248 10.52 9.78 3.45
CA LEU A 248 9.30 9.35 4.12
C LEU A 248 9.61 8.33 5.21
N ASP A 249 10.56 7.43 4.96
CA ASP A 249 10.91 6.43 5.98
C ASP A 249 11.49 7.11 7.21
N VAL A 250 12.28 8.17 7.01
CA VAL A 250 12.84 8.89 8.15
C VAL A 250 11.73 9.57 8.96
N LEU A 251 10.74 10.14 8.29
CA LEU A 251 9.64 10.77 9.01
C LEU A 251 8.81 9.73 9.76
N LYS A 252 8.66 8.53 9.20
CA LYS A 252 7.96 7.48 9.93
C LYS A 252 8.75 7.04 11.17
N GLN A 253 10.08 6.94 11.07
CA GLN A 253 10.87 6.60 12.25
C GLN A 253 10.74 7.67 13.31
N LYS A 254 10.55 8.92 12.90
CA LYS A 254 10.43 10.02 13.83
C LYS A 254 9.18 9.90 14.70
N TRP A 255 8.06 9.49 14.12
CA TRP A 255 6.81 9.49 14.86
C TRP A 255 6.40 8.13 15.38
N TRP A 256 6.90 7.05 14.77
CA TRP A 256 6.70 5.69 15.25
C TRP A 256 8.06 5.07 15.52
N PRO A 257 8.71 5.46 16.61
CA PRO A 257 10.07 5.00 16.86
C PRO A 257 10.20 3.48 16.78
N HIS A 258 11.14 3.02 15.94
CA HIS A 258 11.47 1.59 15.90
C HIS A 258 12.02 1.12 17.23
N MET A 259 12.60 2.02 18.02
CA MET A 259 13.20 1.68 19.30
C MET A 259 13.05 2.86 20.25
N GLY A 260 13.37 2.62 21.53
CA GLY A 260 13.32 3.64 22.55
C GLY A 260 12.01 3.73 23.31
N ARG A 261 10.95 3.14 22.79
CA ARG A 261 9.61 3.25 23.34
C ARG A 261 9.18 1.92 23.97
N CYS A 262 7.88 1.77 24.22
CA CYS A 262 7.37 0.50 24.70
C CYS A 262 7.74 -0.62 23.73
N ASP A 263 8.03 -1.78 24.30
CA ASP A 263 8.11 -3.01 23.54
C ASP A 263 6.70 -3.54 23.37
N LEU A 264 6.26 -3.75 22.12
CA LEU A 264 4.89 -4.16 21.87
C LEU A 264 4.68 -5.67 21.98
N THR A 265 5.75 -6.44 22.19
CA THR A 265 5.63 -7.89 22.34
C THR A 265 4.91 -8.23 23.64
N SER A 266 3.77 -8.92 23.53
CA SER A 266 2.94 -9.26 24.68
C SER A 266 3.70 -10.18 25.65
N LEU B 2 -14.78 3.52 -29.08
CA LEU B 2 -13.40 3.94 -28.85
C LEU B 2 -12.49 2.74 -28.62
N THR B 3 -11.35 2.74 -29.29
CA THR B 3 -10.36 1.67 -29.17
C THR B 3 -9.03 2.27 -28.75
N LEU B 4 -8.46 1.72 -27.67
CA LEU B 4 -7.20 2.18 -27.14
C LEU B 4 -6.07 1.23 -27.53
N LYS B 5 -4.89 1.78 -27.79
CA LYS B 5 -3.70 1.00 -28.08
C LYS B 5 -3.01 0.68 -26.76
N VAL B 6 -2.80 -0.61 -26.48
CA VAL B 6 -2.22 -1.04 -25.22
C VAL B 6 -0.89 -1.71 -25.51
N VAL B 7 0.18 -1.27 -24.84
CA VAL B 7 1.48 -1.91 -24.94
C VAL B 7 1.73 -2.71 -23.67
N THR B 8 2.39 -3.85 -23.81
CA THR B 8 2.62 -4.73 -22.67
C THR B 8 3.96 -5.45 -22.85
N VAL B 9 4.34 -6.21 -21.83
CA VAL B 9 5.48 -7.12 -21.87
C VAL B 9 5.11 -8.36 -21.06
N LEU B 10 5.65 -9.50 -21.45
CA LEU B 10 5.30 -10.76 -20.80
C LEU B 10 5.92 -10.84 -19.41
N GLU B 11 5.09 -11.24 -18.43
CA GLU B 11 5.52 -11.35 -17.04
C GLU B 11 4.47 -12.21 -16.34
N GLU B 12 4.81 -13.47 -16.07
CA GLU B 12 3.86 -14.37 -15.43
C GLU B 12 3.60 -13.93 -13.99
N PRO B 13 2.34 -13.95 -13.52
CA PRO B 13 1.08 -14.28 -14.17
C PRO B 13 0.30 -13.02 -14.51
N PHE B 14 1.00 -11.88 -14.53
CA PHE B 14 0.38 -10.61 -14.89
C PHE B 14 -0.04 -10.60 -16.36
N VAL B 15 0.88 -10.95 -17.26
CA VAL B 15 0.62 -10.98 -18.70
C VAL B 15 1.31 -12.21 -19.26
N MET B 16 0.53 -13.10 -19.87
CA MET B 16 1.04 -14.33 -20.44
C MET B 16 0.41 -14.54 -21.80
N VAL B 17 1.11 -15.32 -22.62
CA VAL B 17 0.57 -15.67 -23.92
C VAL B 17 -0.56 -16.67 -23.72
N ALA B 18 -1.71 -16.39 -24.32
CA ALA B 18 -2.81 -17.34 -24.39
C ALA B 18 -2.71 -18.13 -25.69
N GLU B 19 -3.35 -19.29 -25.73
CA GLU B 19 -3.35 -20.08 -26.95
C GLU B 19 -4.11 -19.32 -28.04
N ASN B 20 -3.61 -19.40 -29.26
CA ASN B 20 -4.25 -18.77 -30.40
C ASN B 20 -4.15 -19.68 -31.61
N ILE B 21 -5.17 -19.65 -32.45
CA ILE B 21 -5.17 -20.42 -33.68
C ILE B 21 -4.14 -19.83 -34.64
N LEU B 22 -3.44 -20.71 -35.36
CA LEU B 22 -2.51 -20.26 -36.38
C LEU B 22 -3.16 -19.21 -37.27
N GLY B 23 -2.40 -18.19 -37.64
CA GLY B 23 -2.91 -17.13 -38.46
C GLY B 23 -3.74 -16.10 -37.74
N GLN B 24 -4.16 -16.37 -36.48
CA GLN B 24 -4.91 -15.39 -35.71
C GLN B 24 -3.96 -14.53 -34.88
N PRO B 25 -4.32 -13.28 -34.62
CA PRO B 25 -3.45 -12.42 -33.82
C PRO B 25 -3.19 -13.04 -32.45
N LYS B 26 -2.05 -12.67 -31.87
CA LYS B 26 -1.72 -13.14 -30.53
C LYS B 26 -2.79 -12.71 -29.52
N ARG B 27 -3.11 -13.61 -28.61
CA ARG B 27 -3.98 -13.32 -27.48
C ARG B 27 -3.14 -13.28 -26.20
N TYR B 28 -3.68 -12.61 -25.17
CA TYR B 28 -3.01 -12.50 -23.89
C TYR B 28 -3.97 -12.79 -22.76
N LYS B 29 -3.42 -13.27 -21.65
CA LYS B 29 -4.21 -13.52 -20.46
C LYS B 29 -3.36 -13.22 -19.22
N GLY B 30 -4.04 -13.10 -18.09
CA GLY B 30 -3.37 -12.90 -16.82
C GLY B 30 -4.03 -11.89 -15.92
N PHE B 31 -3.41 -11.65 -14.77
CA PHE B 31 -3.97 -10.75 -13.77
C PHE B 31 -4.15 -9.35 -14.33
N SER B 32 -3.11 -8.80 -14.95
CA SER B 32 -3.22 -7.46 -15.50
C SER B 32 -4.21 -7.40 -16.66
N ILE B 33 -4.31 -8.47 -17.44
CA ILE B 33 -5.27 -8.50 -18.54
C ILE B 33 -6.68 -8.43 -17.98
N ASP B 34 -6.94 -9.14 -16.89
CA ASP B 34 -8.27 -9.13 -16.30
C ASP B 34 -8.60 -7.77 -15.70
N VAL B 35 -7.60 -7.09 -15.14
CA VAL B 35 -7.82 -5.75 -14.66
C VAL B 35 -8.15 -4.83 -15.82
N LEU B 36 -7.42 -4.97 -16.92
CA LEU B 36 -7.71 -4.19 -18.12
C LEU B 36 -9.12 -4.47 -18.64
N ASP B 37 -9.52 -5.74 -18.67
CA ASP B 37 -10.85 -6.10 -19.15
C ASP B 37 -11.94 -5.49 -18.29
N ALA B 38 -11.75 -5.51 -16.96
CA ALA B 38 -12.76 -4.93 -16.08
C ALA B 38 -12.86 -3.43 -16.28
N LEU B 39 -11.73 -2.76 -16.57
CA LEU B 39 -11.78 -1.34 -16.88
C LEU B 39 -12.48 -1.08 -18.20
N ALA B 40 -12.21 -1.90 -19.21
CA ALA B 40 -12.87 -1.75 -20.50
C ALA B 40 -14.39 -1.89 -20.36
N LYS B 41 -14.84 -2.95 -19.67
CA LYS B 41 -16.27 -3.15 -19.48
C LYS B 41 -16.89 -2.03 -18.66
N ALA B 42 -16.20 -1.60 -17.59
CA ALA B 42 -16.73 -0.57 -16.71
C ALA B 42 -16.82 0.77 -17.44
N LEU B 43 -15.76 1.14 -18.15
CA LEU B 43 -15.69 2.44 -18.80
C LEU B 43 -16.15 2.39 -20.25
N GLY B 44 -16.21 1.22 -20.85
CA GLY B 44 -16.78 1.09 -22.17
C GLY B 44 -15.84 1.46 -23.29
N PHE B 45 -14.69 0.80 -23.36
CA PHE B 45 -13.80 0.94 -24.50
C PHE B 45 -13.34 -0.45 -24.94
N LYS B 46 -12.87 -0.52 -26.17
CA LYS B 46 -12.19 -1.69 -26.71
C LYS B 46 -10.71 -1.38 -26.77
N TYR B 47 -9.90 -2.41 -27.03
CA TYR B 47 -8.48 -2.19 -27.07
C TYR B 47 -7.80 -3.23 -27.94
N GLU B 48 -6.62 -2.88 -28.42
CA GLU B 48 -5.72 -3.76 -29.13
C GLU B 48 -4.39 -3.75 -28.39
N ILE B 49 -3.78 -4.92 -28.22
CA ILE B 49 -2.60 -5.06 -27.41
C ILE B 49 -1.42 -5.37 -28.31
N TYR B 50 -0.26 -4.80 -28.01
CA TYR B 50 0.95 -5.19 -28.67
C TYR B 50 2.09 -5.23 -27.66
N GLN B 51 3.12 -5.97 -28.01
CA GLN B 51 4.25 -6.26 -27.13
C GLN B 51 5.36 -5.25 -27.42
N ALA B 52 5.98 -4.76 -26.36
CA ALA B 52 7.03 -3.77 -26.52
C ALA B 52 8.17 -4.36 -27.35
N PRO B 53 8.74 -3.60 -28.28
CA PRO B 53 9.70 -4.21 -29.22
C PRO B 53 11.01 -4.66 -28.57
N ASP B 54 11.40 -4.08 -27.43
CA ASP B 54 12.56 -4.56 -26.70
C ASP B 54 12.18 -5.30 -25.42
N GLY B 55 10.89 -5.57 -25.22
CA GLY B 55 10.44 -6.32 -24.06
C GLY B 55 10.93 -5.76 -22.74
N ARG B 56 11.06 -4.43 -22.66
CA ARG B 56 11.57 -3.77 -21.47
C ARG B 56 10.49 -2.87 -20.87
N TYR B 57 10.59 -2.65 -19.56
CA TYR B 57 9.70 -1.71 -18.89
C TYR B 57 10.03 -0.28 -19.29
N GLY B 58 11.30 0.12 -19.12
CA GLY B 58 11.72 1.44 -19.53
C GLY B 58 12.67 2.12 -18.57
N HIS B 59 13.75 2.68 -19.11
CA HIS B 59 14.73 3.45 -18.36
C HIS B 59 15.38 4.44 -19.32
N GLN B 60 16.06 5.44 -18.77
CA GLN B 60 16.55 6.57 -19.56
C GLN B 60 18.08 6.61 -19.63
N LEU B 61 18.57 7.11 -20.78
CA LEU B 61 19.95 7.57 -20.94
C LEU B 61 20.12 8.09 -22.38
N SER B 65 17.05 8.75 -24.50
CA SER B 65 15.81 8.95 -23.76
C SER B 65 15.18 7.57 -23.43
N TRP B 66 13.90 7.55 -23.11
CA TRP B 66 13.28 6.36 -22.55
C TRP B 66 13.04 5.27 -23.59
N ASN B 67 13.27 4.02 -23.19
CA ASN B 67 12.97 2.84 -23.99
C ASN B 67 11.81 2.06 -23.36
N GLY B 68 11.61 0.83 -23.83
CA GLY B 68 10.59 -0.03 -23.27
C GLY B 68 9.20 0.52 -23.48
N MET B 69 8.31 0.15 -22.55
CA MET B 69 6.93 0.60 -22.62
C MET B 69 6.81 2.10 -22.41
N ILE B 70 7.64 2.67 -21.54
CA ILE B 70 7.58 4.11 -21.31
C ILE B 70 7.83 4.85 -22.61
N GLY B 71 8.77 4.37 -23.42
CA GLY B 71 9.04 5.02 -24.70
C GLY B 71 7.86 4.98 -25.64
N GLU B 72 7.15 3.85 -25.67
CA GLU B 72 5.97 3.74 -26.52
C GLU B 72 4.89 4.72 -26.13
N LEU B 73 4.76 5.01 -24.82
CA LEU B 73 3.79 6.01 -24.40
C LEU B 73 4.27 7.40 -24.74
N ILE B 74 5.55 7.67 -24.51
CA ILE B 74 6.11 9.00 -24.83
C ILE B 74 5.90 9.31 -26.31
N SER B 75 6.19 8.34 -27.18
CA SER B 75 6.00 8.52 -28.62
C SER B 75 4.53 8.53 -29.01
N LYS B 76 3.63 8.14 -28.12
CA LYS B 76 2.18 8.11 -28.35
C LYS B 76 1.75 6.98 -29.28
N ARG B 77 2.60 5.96 -29.45
CA ARG B 77 2.15 4.75 -30.12
C ARG B 77 1.19 3.93 -29.25
N ALA B 78 1.20 4.15 -27.94
CA ALA B 78 0.30 3.47 -27.01
C ALA B 78 -0.52 4.49 -26.25
N ASP B 79 -1.80 4.15 -26.02
CA ASP B 79 -2.63 4.93 -25.10
C ASP B 79 -2.37 4.56 -23.65
N LEU B 80 -1.92 3.34 -23.40
CA LEU B 80 -1.60 2.94 -22.03
C LEU B 80 -0.70 1.72 -22.08
N ALA B 81 -0.02 1.51 -20.96
CA ALA B 81 0.92 0.41 -20.80
C ALA B 81 0.57 -0.34 -19.52
N ILE B 82 0.55 -1.67 -19.60
CA ILE B 82 0.22 -2.45 -18.42
C ILE B 82 0.96 -3.78 -18.48
N SER B 83 1.52 -4.16 -17.35
CA SER B 83 2.05 -5.51 -17.12
C SER B 83 2.29 -5.65 -15.62
N ALA B 84 3.54 -5.52 -15.17
CA ALA B 84 3.84 -5.41 -13.74
C ALA B 84 4.72 -4.18 -13.54
N ILE B 85 4.18 -3.03 -13.92
CA ILE B 85 4.93 -1.77 -13.97
C ILE B 85 4.84 -1.08 -12.62
N THR B 86 5.97 -0.85 -11.99
CA THR B 86 5.96 -0.16 -10.71
C THR B 86 5.92 1.35 -10.91
N ILE B 87 5.17 2.01 -10.03
CA ILE B 87 5.02 3.46 -10.02
C ILE B 87 6.25 4.05 -9.33
N THR B 88 7.09 4.72 -10.09
CA THR B 88 8.30 5.37 -9.58
C THR B 88 8.29 6.84 -9.94
N PRO B 89 8.98 7.69 -9.18
CA PRO B 89 8.97 9.12 -9.55
C PRO B 89 9.61 9.41 -10.90
N GLU B 90 10.64 8.65 -11.29
CA GLU B 90 11.26 8.89 -12.59
C GLU B 90 10.28 8.62 -13.72
N ARG B 91 9.47 7.56 -13.60
CA ARG B 91 8.48 7.26 -14.64
C ARG B 91 7.30 8.23 -14.59
N GLU B 92 6.81 8.56 -13.39
CA GLU B 92 5.66 9.47 -13.29
C GLU B 92 6.00 10.87 -13.81
N SER B 93 7.27 11.24 -13.86
CA SER B 93 7.59 12.56 -14.38
C SER B 93 7.37 12.65 -15.90
N VAL B 94 7.47 11.54 -16.61
CA VAL B 94 7.33 11.56 -18.06
C VAL B 94 6.01 10.94 -18.55
N VAL B 95 5.40 10.04 -17.78
CA VAL B 95 4.07 9.53 -18.11
C VAL B 95 3.14 9.75 -16.92
N ASP B 96 1.88 9.32 -17.05
CA ASP B 96 0.86 9.53 -16.02
C ASP B 96 0.30 8.17 -15.60
N PHE B 97 0.63 7.75 -14.36
CA PHE B 97 0.15 6.49 -13.82
C PHE B 97 -1.22 6.63 -13.16
N SER B 98 -2.04 5.61 -13.34
CA SER B 98 -3.17 5.39 -12.45
C SER B 98 -2.69 5.21 -11.00
N LYS B 99 -3.61 5.41 -10.06
CA LYS B 99 -3.37 4.87 -8.73
C LYS B 99 -3.18 3.36 -8.86
N ARG B 100 -2.43 2.82 -7.91
CA ARG B 100 -2.01 1.43 -8.03
C ARG B 100 -3.21 0.50 -7.96
N TYR B 101 -3.08 -0.63 -8.66
CA TYR B 101 -4.07 -1.69 -8.58
C TYR B 101 -3.55 -2.91 -7.81
N MET B 102 -2.30 -2.86 -7.34
CA MET B 102 -1.74 -3.91 -6.51
C MET B 102 -0.49 -3.36 -5.85
N ASP B 103 -0.18 -3.87 -4.66
CA ASP B 103 1.04 -3.48 -3.96
C ASP B 103 2.21 -4.34 -4.45
N TYR B 104 3.37 -3.70 -4.49
CA TYR B 104 4.65 -4.30 -4.82
C TYR B 104 5.54 -4.37 -3.58
N SER B 105 6.28 -5.47 -3.47
CA SER B 105 7.34 -5.55 -2.48
C SER B 105 8.33 -6.63 -2.92
N VAL B 106 9.48 -6.64 -2.26
CA VAL B 106 10.57 -7.55 -2.55
C VAL B 106 10.49 -8.72 -1.60
N GLY B 107 10.58 -9.94 -2.14
CA GLY B 107 10.61 -11.14 -1.34
C GLY B 107 11.85 -11.97 -1.59
N ILE B 108 11.92 -13.09 -0.88
CA ILE B 108 13.01 -14.05 -1.00
C ILE B 108 12.46 -15.36 -1.53
N LEU B 109 13.04 -15.83 -2.63
CA LEU B 109 12.80 -17.17 -3.16
C LEU B 109 13.94 -18.09 -2.72
N ILE B 110 13.59 -19.20 -2.08
CA ILE B 110 14.56 -20.09 -1.46
C ILE B 110 14.01 -21.50 -1.39
N LYS B 111 14.90 -22.47 -1.44
CA LYS B 111 14.50 -23.87 -1.23
C LYS B 111 13.82 -24.04 0.12
N LYS B 112 12.81 -24.91 0.15
CA LYS B 112 12.15 -25.28 1.38
C LYS B 112 13.10 -25.98 2.34
N GLY B 113 12.75 -25.92 3.63
CA GLY B 113 13.41 -26.73 4.62
C GLY B 113 14.65 -26.15 5.25
N THR B 114 14.94 -24.88 5.03
CA THR B 114 16.05 -24.22 5.72
C THR B 114 15.54 -23.56 6.99
N PRO B 115 16.44 -23.17 7.89
CA PRO B 115 16.04 -22.36 9.05
C PRO B 115 15.80 -20.90 8.75
N ILE B 116 15.96 -20.45 7.51
CA ILE B 116 15.76 -19.05 7.15
C ILE B 116 14.27 -18.79 6.95
N ARG B 117 13.70 -17.94 7.81
CA ARG B 117 12.27 -17.66 7.73
C ARG B 117 11.95 -16.17 7.57
N THR B 118 12.96 -15.30 7.64
CA THR B 118 12.76 -13.86 7.57
C THR B 118 13.94 -13.22 6.88
N PHE B 119 13.75 -11.97 6.44
CA PHE B 119 14.87 -11.21 5.91
C PHE B 119 15.98 -11.10 6.95
N GLN B 120 15.63 -10.92 8.22
CA GLN B 120 16.67 -10.83 9.22
C GLN B 120 17.49 -12.12 9.26
N ASP B 121 16.82 -13.27 9.20
CA ASP B 121 17.56 -14.55 9.21
C ASP B 121 18.49 -14.65 8.01
N LEU B 122 18.04 -14.21 6.83
CA LEU B 122 18.91 -14.23 5.66
C LEU B 122 20.11 -13.34 5.88
N SER B 123 19.90 -12.16 6.48
CA SER B 123 20.99 -11.23 6.68
C SER B 123 22.04 -11.78 7.63
N LYS B 124 21.70 -12.79 8.43
CA LYS B 124 22.63 -13.40 9.37
C LYS B 124 23.55 -14.41 8.71
N GLN B 125 23.36 -14.71 7.41
CA GLN B 125 24.07 -15.82 6.80
C GLN B 125 25.51 -15.45 6.50
N VAL B 126 26.41 -16.35 6.86
CA VAL B 126 27.83 -16.29 6.52
C VAL B 126 28.08 -17.32 5.43
N GLU B 127 28.86 -16.93 4.42
CA GLU B 127 29.29 -17.83 3.36
C GLU B 127 28.15 -18.37 2.49
N MET B 128 26.94 -17.81 2.57
CA MET B 128 25.85 -18.22 1.72
CA MET B 128 25.86 -18.23 1.70
C MET B 128 25.67 -17.21 0.58
N SER B 129 25.37 -17.72 -0.61
CA SER B 129 25.15 -16.86 -1.76
C SER B 129 23.68 -16.46 -1.79
N TYR B 130 23.43 -15.16 -1.79
CA TYR B 130 22.11 -14.66 -2.09
C TYR B 130 22.25 -13.29 -2.74
N GLY B 131 21.26 -12.92 -3.53
CA GLY B 131 21.38 -11.71 -4.30
C GLY B 131 20.15 -11.45 -5.15
N THR B 132 20.31 -10.49 -6.07
CA THR B 132 19.22 -10.02 -6.91
C THR B 132 19.74 -9.84 -8.33
N VAL B 133 18.91 -9.26 -9.22
CA VAL B 133 19.35 -8.97 -10.58
C VAL B 133 20.32 -7.81 -10.55
N ARG B 134 21.49 -8.00 -11.14
CA ARG B 134 22.52 -6.97 -11.16
C ARG B 134 22.02 -5.71 -11.84
N ASP B 135 22.31 -4.56 -11.23
CA ASP B 135 22.01 -3.26 -11.83
C ASP B 135 20.51 -3.11 -12.13
N SER B 136 19.69 -3.69 -11.25
CA SER B 136 18.25 -3.53 -11.24
C SER B 136 17.86 -2.49 -10.20
N ALA B 137 16.57 -2.12 -10.22
CA ALA B 137 16.02 -1.26 -9.17
C ALA B 137 16.13 -1.92 -7.80
N VAL B 138 15.97 -3.23 -7.73
CA VAL B 138 16.08 -3.92 -6.46
C VAL B 138 17.51 -3.79 -5.92
N TYR B 139 18.50 -3.95 -6.79
CA TYR B 139 19.88 -3.76 -6.38
C TYR B 139 20.08 -2.37 -5.81
N GLU B 140 19.51 -1.36 -6.47
CA GLU B 140 19.66 0.03 -6.04
C GLU B 140 18.90 0.30 -4.75
N TYR B 141 17.78 -0.39 -4.52
CA TYR B 141 17.08 -0.30 -3.25
C TYR B 141 17.95 -0.80 -2.11
N PHE B 142 18.56 -1.97 -2.28
CA PHE B 142 19.41 -2.51 -1.23
C PHE B 142 20.70 -1.70 -1.06
N ARG B 143 21.21 -1.06 -2.13
CA ARG B 143 22.31 -0.13 -1.97
C ARG B 143 21.90 1.02 -1.06
N ALA B 144 20.75 1.64 -1.35
CA ALA B 144 20.33 2.82 -0.61
C ALA B 144 20.10 2.49 0.86
N LYS B 145 19.36 1.42 1.13
CA LYS B 145 19.06 1.03 2.49
C LYS B 145 20.29 0.56 3.22
N GLY B 146 21.17 -0.14 2.52
CA GLY B 146 22.34 -0.72 3.16
C GLY B 146 23.45 0.25 3.48
N THR B 147 23.44 1.44 2.87
CA THR B 147 24.44 2.46 3.10
C THR B 147 23.91 3.63 3.91
N ASN B 148 22.65 3.56 4.36
CA ASN B 148 22.03 4.64 5.11
C ASN B 148 22.31 4.47 6.60
N PRO B 149 23.10 5.34 7.22
CA PRO B 149 23.38 5.17 8.66
C PRO B 149 22.13 5.31 9.54
N LEU B 150 21.05 5.86 9.02
CA LEU B 150 19.84 6.08 9.80
C LEU B 150 18.95 4.84 9.91
N GLU B 151 19.36 3.72 9.35
CA GLU B 151 18.59 2.49 9.52
C GLU B 151 18.74 1.99 10.95
N GLN B 152 17.62 1.54 11.54
CA GLN B 152 17.62 1.23 12.96
C GLN B 152 18.10 -0.18 13.26
N ASP B 153 18.03 -1.10 12.30
CA ASP B 153 18.56 -2.44 12.46
C ASP B 153 19.62 -2.70 11.40
N SER B 154 20.64 -3.48 11.78
CA SER B 154 21.73 -3.83 10.88
C SER B 154 21.31 -4.71 9.71
N THR B 155 20.02 -5.06 9.61
CA THR B 155 19.62 -6.07 8.64
C THR B 155 19.97 -5.65 7.22
N PHE B 156 19.62 -4.42 6.85
CA PHE B 156 19.86 -3.94 5.49
C PHE B 156 21.35 -3.82 5.19
N ALA B 157 22.13 -3.32 6.15
CA ALA B 157 23.58 -3.25 5.95
C ALA B 157 24.15 -4.64 5.69
N GLU B 158 23.71 -5.65 6.44
CA GLU B 158 24.28 -6.98 6.28
C GLU B 158 23.88 -7.58 4.95
N LEU B 159 22.62 -7.39 4.54
CA LEU B 159 22.19 -7.88 3.24
C LEU B 159 23.03 -7.25 2.13
N TRP B 160 23.23 -5.93 2.20
CA TRP B 160 23.99 -5.24 1.17
C TRP B 160 25.42 -5.77 1.09
N ARG B 161 26.06 -6.03 2.24
CA ARG B 161 27.41 -6.56 2.23
C ARG B 161 27.51 -7.82 1.36
N THR B 162 26.51 -8.69 1.41
CA THR B 162 26.57 -9.91 0.61
C THR B 162 26.15 -9.65 -0.84
N ILE B 163 25.07 -8.90 -1.04
CA ILE B 163 24.53 -8.66 -2.38
C ILE B 163 25.58 -8.01 -3.27
N SER B 164 26.31 -7.04 -2.74
CA SER B 164 27.22 -6.20 -3.51
C SER B 164 28.66 -6.73 -3.50
N LYS B 165 28.89 -7.91 -2.97
CA LYS B 165 30.24 -8.45 -2.92
C LYS B 165 30.87 -8.41 -4.30
N ASN B 166 32.07 -7.85 -4.37
CA ASN B 166 32.82 -7.79 -5.63
C ASN B 166 32.03 -7.04 -6.70
N GLY B 167 31.50 -5.88 -6.30
CA GLY B 167 30.74 -5.05 -7.22
C GLY B 167 29.47 -5.67 -7.74
N GLY B 168 28.90 -6.63 -7.01
CA GLY B 168 27.69 -7.31 -7.44
C GLY B 168 27.90 -8.51 -8.33
N ALA B 169 29.15 -8.93 -8.55
CA ALA B 169 29.41 -10.01 -9.49
C ALA B 169 29.26 -11.40 -8.88
N ASP B 170 29.58 -11.56 -7.59
CA ASP B 170 29.61 -12.89 -7.00
C ASP B 170 28.20 -13.45 -6.77
N ASN B 171 27.30 -12.63 -6.24
CA ASN B 171 26.06 -13.13 -5.69
C ASN B 171 24.82 -12.65 -6.42
N CYS B 172 24.97 -11.86 -7.45
CA CYS B 172 23.83 -11.39 -8.23
C CYS B 172 23.78 -12.11 -9.56
N VAL B 173 22.64 -11.98 -10.24
CA VAL B 173 22.34 -12.72 -11.46
C VAL B 173 22.00 -11.74 -12.58
N SER B 174 21.97 -12.27 -13.80
CA SER B 174 21.76 -11.43 -14.99
C SER B 174 20.29 -11.19 -15.30
N SER B 175 19.39 -11.99 -14.78
CA SER B 175 17.98 -11.90 -15.14
C SER B 175 17.17 -12.60 -14.08
N PRO B 176 15.87 -12.28 -13.96
CA PRO B 176 15.05 -12.98 -12.97
C PRO B 176 14.87 -14.46 -13.26
N SER B 177 14.76 -14.86 -14.54
CA SER B 177 14.65 -16.28 -14.82
C SER B 177 15.89 -17.03 -14.33
N GLU B 178 17.07 -16.43 -14.46
CA GLU B 178 18.27 -17.08 -13.92
C GLU B 178 18.24 -17.11 -12.40
N GLY B 179 17.79 -16.03 -11.77
CA GLY B 179 17.69 -16.02 -10.31
C GLY B 179 16.72 -17.07 -9.80
N ILE B 180 15.59 -17.24 -10.48
CA ILE B 180 14.62 -18.27 -10.11
C ILE B 180 15.22 -19.64 -10.29
N ARG B 181 15.90 -19.86 -11.42
CA ARG B 181 16.52 -21.15 -11.69
C ARG B 181 17.57 -21.48 -10.64
N LYS B 182 18.40 -20.49 -10.26
CA LYS B 182 19.43 -20.74 -9.25
C LYS B 182 18.85 -21.08 -7.89
N ALA B 183 17.80 -20.36 -7.45
CA ALA B 183 17.20 -20.67 -6.17
C ALA B 183 16.62 -22.08 -6.16
N LYS B 184 16.09 -22.54 -7.30
CA LYS B 184 15.50 -23.87 -7.34
C LYS B 184 16.56 -24.96 -7.28
N LYS B 185 17.73 -24.73 -7.86
CA LYS B 185 18.77 -25.76 -7.84
C LYS B 185 19.56 -25.76 -6.54
N GLY B 186 19.42 -24.72 -5.72
CA GLY B 186 19.90 -24.75 -4.35
C GLY B 186 21.17 -23.95 -4.16
N ASN B 187 21.50 -23.76 -2.88
CA ASN B 187 22.66 -22.98 -2.48
C ASN B 187 22.56 -21.53 -2.97
N TYR B 188 21.34 -21.01 -3.10
CA TYR B 188 21.12 -19.62 -3.50
C TYR B 188 19.74 -19.16 -3.06
N ALA B 189 19.65 -17.93 -2.62
CA ALA B 189 18.36 -17.29 -2.39
C ALA B 189 18.27 -16.05 -3.26
N PHE B 190 17.13 -15.88 -3.90
CA PHE B 190 16.91 -14.85 -4.90
C PHE B 190 15.94 -13.82 -4.35
N LEU B 191 16.37 -12.56 -4.37
CA LEU B 191 15.62 -11.43 -3.85
CA LEU B 191 15.59 -11.45 -3.86
C LEU B 191 15.00 -10.68 -5.04
N TRP B 192 13.68 -10.64 -5.11
CA TRP B 192 13.01 -10.09 -6.28
C TRP B 192 11.55 -9.82 -5.93
N ASP B 193 10.88 -9.15 -6.87
CA ASP B 193 9.42 -8.99 -6.84
C ASP B 193 8.71 -10.17 -6.22
N VAL B 194 8.01 -9.96 -5.10
CA VAL B 194 7.49 -11.10 -4.33
C VAL B 194 6.36 -11.77 -5.11
N ALA B 195 5.59 -10.99 -5.85
CA ALA B 195 4.53 -11.58 -6.66
C ALA B 195 5.10 -12.46 -7.77
N VAL B 196 6.22 -12.06 -8.35
CA VAL B 196 6.83 -12.86 -9.40
C VAL B 196 7.38 -14.16 -8.82
N VAL B 197 8.11 -14.08 -7.70
CA VAL B 197 8.69 -15.31 -7.18
C VAL B 197 7.64 -16.17 -6.50
N GLU B 198 6.58 -15.58 -5.94
CA GLU B 198 5.48 -16.39 -5.44
C GLU B 198 4.87 -17.25 -6.55
N TYR B 199 4.63 -16.66 -7.72
CA TYR B 199 4.08 -17.45 -8.80
C TYR B 199 5.06 -18.51 -9.25
N ALA B 200 6.34 -18.16 -9.35
CA ALA B 200 7.35 -19.16 -9.67
C ALA B 200 7.34 -20.31 -8.67
N ALA B 201 7.10 -20.02 -7.39
CA ALA B 201 7.11 -21.09 -6.40
C ALA B 201 5.85 -21.93 -6.50
N LEU B 202 4.71 -21.29 -6.72
CA LEU B 202 3.45 -22.01 -6.85
C LEU B 202 3.45 -22.98 -8.03
N THR B 203 4.21 -22.67 -9.08
CA THR B 203 4.21 -23.46 -10.30
C THR B 203 5.50 -24.26 -10.48
N ASP B 204 6.35 -24.31 -9.46
CA ASP B 204 7.59 -25.09 -9.53
C ASP B 204 7.29 -26.55 -9.82
N ASP B 205 7.96 -27.08 -10.85
CA ASP B 205 7.75 -28.47 -11.23
C ASP B 205 7.92 -29.43 -10.07
N ASP B 206 8.82 -29.12 -9.14
CA ASP B 206 9.16 -30.04 -8.05
C ASP B 206 8.65 -29.55 -6.69
N CYS B 207 7.82 -28.52 -6.66
CA CYS B 207 7.30 -27.91 -5.43
C CYS B 207 8.36 -27.89 -4.35
N SER B 208 9.51 -27.34 -4.72
CA SER B 208 10.72 -27.41 -3.94
C SER B 208 11.10 -26.10 -3.26
N VAL B 209 10.41 -24.98 -3.56
CA VAL B 209 10.80 -23.66 -3.09
C VAL B 209 9.64 -22.98 -2.37
N THR B 210 9.99 -21.96 -1.60
CA THR B 210 9.06 -21.17 -0.81
C THR B 210 9.48 -19.72 -0.93
N VAL B 211 8.62 -18.83 -0.43
CA VAL B 211 8.83 -17.40 -0.53
C VAL B 211 8.71 -16.77 0.85
N ILE B 212 9.62 -15.86 1.14
CA ILE B 212 9.61 -15.08 2.37
C ILE B 212 9.24 -13.65 1.99
N GLY B 213 8.20 -13.12 2.59
CA GLY B 213 7.81 -11.75 2.33
C GLY B 213 8.02 -10.91 3.57
N ASN B 214 6.97 -10.74 4.37
CA ASN B 214 7.09 -10.04 5.65
C ASN B 214 7.74 -8.67 5.46
N SER B 215 7.40 -8.03 4.34
CA SER B 215 7.92 -6.71 4.00
C SER B 215 6.74 -5.81 3.72
N ILE B 216 6.67 -4.68 4.44
CA ILE B 216 5.73 -3.64 4.07
C ILE B 216 6.01 -3.27 2.62
N SER B 217 4.97 -2.85 1.91
CA SER B 217 5.12 -2.57 0.49
C SER B 217 5.90 -1.29 0.26
N SER B 218 6.81 -1.34 -0.70
CA SER B 218 7.63 -0.18 -1.02
C SER B 218 6.97 0.67 -2.09
N LYS B 219 6.13 0.06 -2.93
CA LYS B 219 5.65 0.72 -4.14
C LYS B 219 4.33 0.07 -4.56
N GLY B 220 3.73 0.65 -5.58
CA GLY B 220 2.59 0.06 -6.22
C GLY B 220 2.82 -0.27 -7.68
N TYR B 221 2.04 -1.24 -8.18
CA TYR B 221 1.90 -1.48 -9.60
C TYR B 221 0.78 -0.60 -10.16
N GLY B 222 1.04 0.04 -11.30
CA GLY B 222 0.06 0.90 -11.92
C GLY B 222 -0.09 0.68 -13.42
N ILE B 223 -1.15 1.27 -13.95
CA ILE B 223 -1.33 1.42 -15.38
C ILE B 223 -0.70 2.74 -15.77
N ALA B 224 0.20 2.71 -16.76
CA ALA B 224 0.86 3.92 -17.23
C ALA B 224 0.13 4.41 -18.48
N LEU B 225 -0.30 5.66 -18.43
CA LEU B 225 -0.93 6.32 -19.55
C LEU B 225 -0.02 7.43 -20.05
N GLN B 226 -0.38 7.98 -21.20
CA GLN B 226 0.37 9.08 -21.78
C GLN B 226 0.40 10.27 -20.85
N HIS B 227 1.52 10.98 -20.84
CA HIS B 227 1.56 12.30 -20.23
C HIS B 227 0.38 13.13 -20.71
N GLY B 228 -0.39 13.66 -19.77
CA GLY B 228 -1.55 14.46 -20.11
C GLY B 228 -2.78 13.69 -20.54
N SER B 229 -2.84 12.39 -20.25
CA SER B 229 -3.94 11.59 -20.76
C SER B 229 -5.25 11.99 -20.10
N PRO B 230 -6.36 12.03 -20.84
CA PRO B 230 -7.66 12.31 -20.22
C PRO B 230 -8.25 11.13 -19.46
N TYR B 231 -7.59 9.97 -19.48
CA TYR B 231 -8.12 8.74 -18.93
C TYR B 231 -7.56 8.39 -17.57
N ARG B 232 -6.49 9.08 -17.14
CA ARG B 232 -5.76 8.62 -15.96
C ARG B 232 -6.62 8.67 -14.72
N ASP B 233 -7.29 9.80 -14.48
CA ASP B 233 -8.14 9.91 -13.29
C ASP B 233 -9.33 8.96 -13.38
N LEU B 234 -9.90 8.77 -14.57
CA LEU B 234 -10.98 7.80 -14.73
C LEU B 234 -10.53 6.40 -14.36
N PHE B 235 -9.35 6.01 -14.81
CA PHE B 235 -8.81 4.70 -14.49
C PHE B 235 -8.59 4.55 -13.00
N SER B 236 -7.99 5.57 -12.37
CA SER B 236 -7.80 5.56 -10.93
C SER B 236 -9.12 5.36 -10.19
N GLN B 237 -10.17 6.06 -10.61
CA GLN B 237 -11.43 5.97 -9.89
C GLN B 237 -11.99 4.55 -9.96
N ARG B 238 -11.98 3.95 -11.15
CA ARG B 238 -12.52 2.61 -11.29
CA ARG B 238 -12.52 2.61 -11.27
C ARG B 238 -11.62 1.57 -10.60
N ILE B 239 -10.31 1.79 -10.61
CA ILE B 239 -9.40 0.89 -9.87
C ILE B 239 -9.76 0.92 -8.39
N LEU B 240 -9.96 2.11 -7.82
CA LEU B 240 -10.31 2.18 -6.40
C LEU B 240 -11.61 1.42 -6.14
N GLU B 241 -12.57 1.50 -7.07
CA GLU B 241 -13.82 0.78 -6.88
C GLU B 241 -13.60 -0.72 -6.96
N LEU B 242 -12.77 -1.18 -7.89
CA LEU B 242 -12.50 -2.61 -7.99
C LEU B 242 -11.80 -3.16 -6.75
N GLN B 243 -10.92 -2.36 -6.16
CA GLN B 243 -10.28 -2.77 -4.92
C GLN B 243 -11.27 -2.84 -3.78
N ASP B 244 -12.12 -1.82 -3.66
CA ASP B 244 -13.02 -1.69 -2.51
C ASP B 244 -14.06 -2.80 -2.46
N THR B 245 -14.55 -3.24 -3.62
CA THR B 245 -15.54 -4.31 -3.67
C THR B 245 -14.93 -5.69 -3.46
N GLY B 246 -13.61 -5.80 -3.45
CA GLY B 246 -12.96 -7.08 -3.37
C GLY B 246 -12.66 -7.72 -4.72
N ASP B 247 -13.06 -7.08 -5.81
CA ASP B 247 -12.88 -7.70 -7.12
C ASP B 247 -11.40 -7.95 -7.43
N LEU B 248 -10.52 -7.01 -7.09
CA LEU B 248 -9.10 -7.22 -7.37
C LEU B 248 -8.55 -8.36 -6.54
N ASP B 249 -9.00 -8.49 -5.30
CA ASP B 249 -8.52 -9.59 -4.47
C ASP B 249 -8.99 -10.92 -5.05
N VAL B 250 -10.20 -10.99 -5.60
CA VAL B 250 -10.65 -12.21 -6.26
C VAL B 250 -9.73 -12.53 -7.43
N LEU B 251 -9.40 -11.50 -8.22
CA LEU B 251 -8.49 -11.71 -9.35
C LEU B 251 -7.12 -12.16 -8.88
N LYS B 252 -6.61 -11.60 -7.78
CA LYS B 252 -5.32 -12.07 -7.26
C LYS B 252 -5.40 -13.53 -6.84
N GLN B 253 -6.48 -13.94 -6.17
CA GLN B 253 -6.64 -15.35 -5.82
C GLN B 253 -6.72 -16.23 -7.03
N LYS B 254 -7.28 -15.72 -8.12
CA LYS B 254 -7.43 -16.50 -9.34
C LYS B 254 -6.10 -16.77 -10.01
N TRP B 255 -5.19 -15.80 -10.01
CA TRP B 255 -3.95 -15.91 -10.77
C TRP B 255 -2.77 -16.38 -9.94
N TRP B 256 -2.88 -16.30 -8.63
CA TRP B 256 -1.92 -16.88 -7.69
C TRP B 256 -2.69 -17.90 -6.85
N PRO B 257 -3.21 -18.96 -7.48
CA PRO B 257 -4.02 -19.93 -6.72
C PRO B 257 -3.11 -20.83 -5.90
N HIS B 258 -3.64 -21.29 -4.78
CA HIS B 258 -2.82 -22.01 -3.82
C HIS B 258 -3.14 -23.50 -3.73
N MET B 259 -4.40 -23.91 -3.85
CA MET B 259 -4.72 -25.32 -3.93
C MET B 259 -4.66 -25.78 -5.38
N GLY B 260 -4.23 -27.03 -5.58
CA GLY B 260 -3.90 -27.54 -6.89
C GLY B 260 -2.47 -27.24 -7.29
N ARG B 261 -1.89 -26.18 -6.76
CA ARG B 261 -0.53 -25.77 -7.03
CA ARG B 261 -0.52 -25.81 -7.05
C ARG B 261 0.38 -26.25 -5.89
N CYS B 262 1.64 -25.83 -5.92
CA CYS B 262 2.55 -26.21 -4.85
C CYS B 262 2.08 -25.63 -3.52
N ASP B 263 2.32 -26.38 -2.46
CA ASP B 263 2.16 -25.90 -1.09
C ASP B 263 3.44 -25.21 -0.68
N LEU B 264 3.39 -23.90 -0.49
CA LEU B 264 4.59 -23.14 -0.13
C LEU B 264 4.97 -23.28 1.33
N THR B 265 4.14 -23.91 2.14
CA THR B 265 4.35 -23.98 3.59
C THR B 265 4.31 -25.41 4.10
N SER B 266 4.99 -26.34 3.42
CA SER B 266 4.94 -27.74 3.81
C SER B 266 5.93 -28.07 4.93
N HIS B 267 6.90 -27.20 5.18
CA HIS B 267 7.86 -27.35 6.26
C HIS B 267 7.58 -26.32 7.36
#